data_6Y3Q
#
_entry.id   6Y3Q
#
_cell.length_a   57.261
_cell.length_b   57.261
_cell.length_c   182.104
_cell.angle_alpha   90.000
_cell.angle_beta   90.000
_cell.angle_gamma   90.000
#
_symmetry.space_group_name_H-M   'I 41 2 2'
#
loop_
_entity.id
_entity.type
_entity.pdbx_description
1 polymer Streptavidin
2 non-polymer 'biotC5-1 cofactor'
3 non-polymer 'SULFATE ION'
4 water water
#
_entity_poly.entity_id   1
_entity_poly.type   'polypeptide(L)'
_entity_poly.pdbx_seq_one_letter_code
;MASMTGGQQMGRDQAGITGTWYNQLGSTFIVTAGADGALTGTYESAVGNAESRYVLTGRYDSAPATDGSGTALGWTVAWK
NNYRNAHSATTWSGQYVGGAEARINTQWLLTRGTTEANAWESTLVGHDTFTKVKPSAASIDAAKKAGVNNGNPLDAVQQ
;
_entity_poly.pdbx_strand_id   AAA
#
loop_
_chem_comp.id
_chem_comp.type
_chem_comp.name
_chem_comp.formula
O7Q non-polymer 'biotC5-1 cofactor' 'C30 H39 Fe N7 O6 S'
SO4 non-polymer 'SULFATE ION' 'O4 S -2'
#
# COMPACT_ATOMS: atom_id res chain seq x y z
N GLN A 14 -5.20 -5.47 14.47
CA GLN A 14 -6.44 -5.32 13.62
C GLN A 14 -6.96 -3.89 13.79
N ALA A 15 -7.24 -3.51 15.03
CA ALA A 15 -7.51 -2.11 15.45
C ALA A 15 -6.28 -1.24 15.10
N GLY A 16 -5.08 -1.74 15.43
CA GLY A 16 -3.79 -1.10 15.10
C GLY A 16 -3.77 -0.65 13.66
N ILE A 17 -4.17 -1.54 12.75
CA ILE A 17 -3.98 -1.30 11.30
C ILE A 17 -5.16 -0.52 10.72
N THR A 18 -6.38 -0.82 11.12
CA THR A 18 -7.61 -0.23 10.51
C THR A 18 -7.55 1.28 10.71
N GLY A 19 -7.81 2.01 9.63
CA GLY A 19 -7.93 3.48 9.71
C GLY A 19 -7.28 4.13 8.53
N THR A 20 -6.92 5.39 8.73
CA THR A 20 -6.42 6.30 7.69
C THR A 20 -4.95 6.54 7.96
N TRP A 21 -4.10 6.23 6.97
CA TRP A 21 -2.66 6.51 7.04
C TRP A 21 -2.26 7.44 5.91
N TYR A 22 -1.16 8.15 6.16
CA TYR A 22 -0.57 9.16 5.24
C TYR A 22 0.92 8.80 5.11
N ASN A 23 1.49 8.90 3.93
CA ASN A 23 2.95 8.62 3.77
C ASN A 23 3.67 9.98 3.63
N GLN A 24 4.97 9.93 3.45
CA GLN A 24 5.86 11.12 3.37
C GLN A 24 5.46 11.98 2.16
N LEU A 25 4.70 11.45 1.20
CA LEU A 25 4.30 12.23 -0.01
C LEU A 25 2.97 12.95 0.23
N GLY A 26 2.29 12.64 1.33
CA GLY A 26 0.94 13.14 1.59
C GLY A 26 -0.13 12.30 0.89
N SER A 27 0.20 11.09 0.46
CA SER A 27 -0.80 10.12 -0.05
C SER A 27 -1.65 9.59 1.11
N THR A 28 -2.86 9.12 0.81
CA THR A 28 -3.87 8.70 1.83
C THR A 28 -4.25 7.23 1.65
N PHE A 29 -3.95 6.42 2.66
CA PHE A 29 -4.15 4.96 2.65
C PHE A 29 -5.22 4.67 3.70
N ILE A 30 -6.39 4.28 3.22
CA ILE A 30 -7.59 4.00 4.04
C ILE A 30 -7.81 2.50 3.96
N VAL A 31 -7.69 1.83 5.09
CA VAL A 31 -7.66 0.34 5.11
C VAL A 31 -8.54 -0.14 6.25
N THR A 32 -9.22 -1.26 6.03
CA THR A 32 -9.79 -2.10 7.10
C THR A 32 -9.04 -3.43 7.17
N ALA A 33 -8.59 -3.83 8.34
CA ALA A 33 -7.97 -5.16 8.56
C ALA A 33 -9.06 -6.14 9.04
N GLY A 34 -9.33 -7.20 8.28
CA GLY A 34 -10.31 -8.24 8.65
C GLY A 34 -9.73 -9.21 9.69
N ALA A 35 -10.55 -9.84 10.53
CA ALA A 35 -10.06 -10.82 11.54
C ALA A 35 -9.34 -11.99 10.84
N ASP A 36 -9.68 -12.23 9.56
CA ASP A 36 -9.17 -13.35 8.72
C ASP A 36 -7.87 -12.99 7.96
N GLY A 37 -7.29 -11.80 8.17
CA GLY A 37 -6.02 -11.38 7.55
C GLY A 37 -6.21 -10.50 6.33
N ALA A 38 -7.45 -10.18 5.98
CA ALA A 38 -7.76 -9.37 4.78
C ALA A 38 -7.42 -7.90 5.01
N LEU A 39 -6.94 -7.21 3.97
CA LEU A 39 -6.82 -5.73 3.98
C LEU A 39 -7.66 -5.26 2.81
N THR A 40 -8.53 -4.32 3.04
CA THR A 40 -9.46 -3.74 2.05
C THR A 40 -9.49 -2.23 2.27
N GLY A 41 -9.54 -1.47 1.19
CA GLY A 41 -9.79 -0.04 1.34
C GLY A 41 -9.54 0.67 0.03
N THR A 42 -8.98 1.87 0.13
CA THR A 42 -8.80 2.81 -1.00
C THR A 42 -7.45 3.47 -0.80
N TYR A 43 -6.82 3.87 -1.90
CA TYR A 43 -5.54 4.60 -1.88
C TYR A 43 -5.75 5.85 -2.71
N GLU A 44 -5.17 6.94 -2.25
CA GLU A 44 -5.11 8.21 -2.99
C GLU A 44 -3.67 8.71 -2.99
N SER A 45 -3.07 8.76 -4.18
CA SER A 45 -1.68 9.20 -4.40
C SER A 45 -1.67 10.72 -4.50
N ALA A 46 -0.78 11.35 -3.75
CA ALA A 46 -0.53 12.80 -3.84
C ALA A 46 0.43 13.08 -5.01
N VAL A 47 0.98 12.05 -5.68
CA VAL A 47 1.88 12.25 -6.86
C VAL A 47 1.50 11.32 -8.01
N GLY A 48 2.03 11.66 -9.18
CA GLY A 48 1.98 10.90 -10.44
C GLY A 48 0.66 11.08 -11.18
N ASN A 49 0.51 10.34 -12.27
CA ASN A 49 -0.70 10.41 -13.14
C ASN A 49 -1.80 9.56 -12.47
N ALA A 50 -2.49 10.17 -11.51
CA ALA A 50 -3.48 9.51 -10.64
C ALA A 50 -4.39 10.58 -10.04
N GLU A 51 -5.66 10.30 -9.84
CA GLU A 51 -6.51 11.19 -9.03
C GLU A 51 -7.62 10.39 -8.36
N SER A 52 -8.10 10.95 -7.27
CA SER A 52 -9.23 10.41 -6.48
C SER A 52 -8.76 9.10 -5.83
N ARG A 53 -9.69 8.24 -5.45
CA ARG A 53 -9.43 6.97 -4.70
C ARG A 53 -9.34 5.79 -5.68
N TYR A 54 -8.47 4.83 -5.39
CA TYR A 54 -8.34 3.55 -6.11
C TYR A 54 -8.55 2.40 -5.10
N VAL A 55 -9.21 1.34 -5.54
CA VAL A 55 -9.47 0.15 -4.68
C VAL A 55 -8.13 -0.44 -4.31
N LEU A 56 -7.96 -0.90 -3.08
CA LEU A 56 -6.79 -1.72 -2.72
C LEU A 56 -7.29 -2.97 -2.02
N THR A 57 -6.54 -4.03 -2.17
CA THR A 57 -6.76 -5.25 -1.36
C THR A 57 -5.40 -5.75 -0.92
N GLY A 58 -5.36 -6.44 0.21
CA GLY A 58 -4.10 -7.08 0.62
C GLY A 58 -4.27 -8.08 1.73
N ARG A 59 -3.18 -8.39 2.39
CA ARG A 59 -3.13 -9.39 3.48
C ARG A 59 -2.22 -8.88 4.58
N TYR A 60 -2.46 -9.34 5.79
CA TYR A 60 -1.53 -9.07 6.91
C TYR A 60 -1.58 -10.28 7.82
N ASP A 61 -0.54 -10.40 8.61
CA ASP A 61 -0.37 -11.49 9.62
C ASP A 61 -1.27 -11.16 10.80
N SER A 62 -2.38 -11.89 10.89
CA SER A 62 -3.44 -11.72 11.91
C SER A 62 -3.00 -12.33 13.25
N ALA A 63 -1.94 -13.11 13.30
CA ALA A 63 -1.41 -13.68 14.57
C ALA A 63 0.09 -13.40 14.65
N PRO A 64 0.51 -12.11 14.82
CA PRO A 64 1.93 -11.77 14.75
C PRO A 64 2.72 -12.33 15.94
N ALA A 65 4.05 -12.38 15.83
CA ALA A 65 4.96 -12.73 16.95
C ALA A 65 4.72 -11.73 18.09
N THR A 66 4.97 -12.14 19.33
CA THR A 66 4.64 -11.37 20.57
C THR A 66 5.96 -10.87 21.15
N ASP A 67 7.04 -10.93 20.36
CA ASP A 67 8.43 -10.70 20.82
C ASP A 67 8.86 -9.28 20.47
N GLY A 68 7.93 -8.41 20.12
CA GLY A 68 8.20 -7.00 19.74
C GLY A 68 8.49 -6.81 18.26
N SER A 69 8.40 -7.86 17.44
CA SER A 69 8.53 -7.77 15.96
C SER A 69 7.36 -6.97 15.39
N GLY A 70 7.54 -6.36 14.22
CA GLY A 70 6.41 -5.77 13.47
C GLY A 70 5.48 -6.86 12.92
N THR A 71 4.36 -6.45 12.36
CA THR A 71 3.33 -7.29 11.72
C THR A 71 3.46 -7.16 10.20
N ALA A 72 3.83 -8.26 9.53
CA ALA A 72 4.05 -8.27 8.07
C ALA A 72 2.70 -8.06 7.37
N LEU A 73 2.74 -7.34 6.26
CA LEU A 73 1.53 -7.08 5.47
C LEU A 73 1.92 -6.58 4.08
N GLY A 74 0.96 -6.66 3.18
CA GLY A 74 1.12 -6.01 1.89
C GLY A 74 -0.17 -5.76 1.23
N TRP A 75 -0.11 -4.99 0.15
CA TRP A 75 -1.37 -4.67 -0.57
C TRP A 75 -1.04 -4.16 -1.95
N THR A 76 -2.06 -4.21 -2.78
CA THR A 76 -1.99 -3.88 -4.21
C THR A 76 -3.01 -2.81 -4.52
N VAL A 77 -2.61 -1.91 -5.40
CA VAL A 77 -3.49 -0.93 -6.10
C VAL A 77 -3.27 -1.12 -7.59
N ALA A 78 -4.33 -1.35 -8.34
CA ALA A 78 -4.31 -1.20 -9.81
C ALA A 78 -4.80 0.22 -10.12
N TRP A 79 -4.00 0.99 -10.83
CA TRP A 79 -4.22 2.43 -11.05
C TRP A 79 -5.26 2.63 -12.14
N LYS A 80 -6.39 1.95 -11.97
CA LYS A 80 -7.64 2.13 -12.73
C LYS A 80 -8.77 2.47 -11.77
N ASN A 81 -9.45 3.58 -12.02
CA ASN A 81 -10.68 3.97 -11.29
C ASN A 81 -11.58 4.61 -12.34
N ASN A 82 -12.64 5.31 -11.92
CA ASN A 82 -13.62 5.90 -12.85
C ASN A 82 -13.05 7.14 -13.55
N TYR A 83 -11.92 7.68 -13.11
CA TYR A 83 -11.28 8.91 -13.67
C TYR A 83 -10.14 8.62 -14.63
N ARG A 84 -9.24 7.69 -14.27
CA ARG A 84 -7.99 7.42 -15.04
C ARG A 84 -7.67 5.93 -15.04
N ASN A 85 -6.88 5.51 -16.03
CA ASN A 85 -6.31 4.16 -16.09
C ASN A 85 -4.82 4.34 -16.47
N ALA A 86 -3.88 4.19 -15.54
CA ALA A 86 -2.45 4.37 -15.88
C ALA A 86 -1.89 3.09 -16.49
N HIS A 87 -2.70 2.01 -16.52
CA HIS A 87 -2.29 0.67 -17.00
C HIS A 87 -1.11 0.17 -16.18
N SER A 88 -1.26 0.20 -14.86
CA SER A 88 -0.16 -0.05 -13.92
C SER A 88 -0.71 -0.49 -12.58
N ALA A 89 0.17 -1.10 -11.79
CA ALA A 89 -0.17 -1.65 -10.45
C ALA A 89 1.02 -1.43 -9.52
N THR A 90 0.76 -0.91 -8.31
CA THR A 90 1.78 -0.90 -7.24
C THR A 90 1.43 -1.97 -6.23
N THR A 91 2.42 -2.69 -5.72
CA THR A 91 2.29 -3.48 -4.47
C THR A 91 3.21 -2.84 -3.43
N TRP A 92 2.71 -2.69 -2.20
CA TRP A 92 3.54 -2.31 -1.04
C TRP A 92 3.73 -3.57 -0.21
N SER A 93 4.95 -3.88 0.23
CA SER A 93 5.31 -5.00 1.15
C SER A 93 5.98 -4.31 2.34
N GLY A 94 5.45 -4.45 3.54
CA GLY A 94 6.19 -3.98 4.72
C GLY A 94 5.71 -4.55 6.04
N GLN A 95 5.83 -3.77 7.11
CA GLN A 95 5.41 -4.22 8.45
C GLN A 95 4.84 -3.02 9.19
N TYR A 96 3.75 -3.28 9.92
CA TYR A 96 3.13 -2.37 10.91
C TYR A 96 3.94 -2.44 12.20
N VAL A 97 4.42 -1.29 12.72
CA VAL A 97 5.08 -1.17 14.05
C VAL A 97 4.09 -0.39 14.94
N GLY A 98 3.61 -1.03 16.00
CA GLY A 98 2.66 -0.43 16.98
C GLY A 98 3.36 0.55 17.90
N GLY A 99 2.63 1.11 18.87
CA GLY A 99 3.21 1.93 19.96
C GLY A 99 3.07 3.41 19.68
N ALA A 100 3.62 4.24 20.57
CA ALA A 100 3.42 5.71 20.66
C ALA A 100 3.15 6.26 19.26
N GLU A 101 4.16 6.20 18.39
CA GLU A 101 4.13 6.68 16.99
C GLU A 101 4.14 5.45 16.06
N ALA A 102 2.96 4.84 15.87
CA ALA A 102 2.71 3.67 15.00
C ALA A 102 3.10 3.97 13.55
N ARG A 103 3.73 3.02 12.87
CA ARG A 103 4.20 3.21 11.48
C ARG A 103 3.81 2.02 10.64
N ILE A 104 3.51 2.23 9.36
CA ILE A 104 3.70 1.13 8.37
C ILE A 104 4.93 1.48 7.52
N ASN A 105 5.97 0.66 7.60
CA ASN A 105 7.22 0.86 6.82
C ASN A 105 7.12 -0.06 5.62
N THR A 106 7.11 0.50 4.42
CA THR A 106 6.97 -0.34 3.19
C THR A 106 8.09 -0.08 2.21
N GLN A 107 8.24 -1.06 1.34
CA GLN A 107 8.87 -0.95 0.00
C GLN A 107 7.79 -1.34 -0.98
N TRP A 108 7.85 -0.79 -2.17
CA TRP A 108 6.82 -0.95 -3.21
C TRP A 108 7.46 -1.19 -4.56
N LEU A 109 6.77 -1.96 -5.40
CA LEU A 109 7.07 -2.22 -6.83
C LEU A 109 5.91 -1.69 -7.65
N LEU A 110 6.16 -0.72 -8.54
CA LEU A 110 5.16 -0.24 -9.51
C LEU A 110 5.50 -0.81 -10.91
N THR A 111 4.69 -1.74 -11.40
CA THR A 111 4.81 -2.33 -12.75
C THR A 111 3.82 -1.62 -13.70
N ARG A 112 4.34 -1.01 -14.77
N ARG A 112 4.33 -1.16 -14.83
CA ARG A 112 3.52 -0.56 -15.90
CA ARG A 112 3.51 -0.49 -15.88
C ARG A 112 3.26 -1.78 -16.77
C ARG A 112 3.35 -1.55 -16.99
N GLY A 113 2.13 -1.85 -17.45
CA GLY A 113 1.99 -2.72 -18.65
C GLY A 113 2.90 -2.20 -19.77
N THR A 114 3.72 -3.05 -20.40
CA THR A 114 4.65 -2.64 -21.49
C THR A 114 4.59 -3.67 -22.62
N THR A 115 5.10 -3.29 -23.78
CA THR A 115 5.54 -4.21 -24.86
C THR A 115 6.74 -5.02 -24.33
N GLU A 116 7.04 -6.18 -24.90
CA GLU A 116 8.19 -7.02 -24.48
C GLU A 116 9.48 -6.21 -24.69
N ALA A 117 9.49 -5.34 -25.70
CA ALA A 117 10.62 -4.44 -26.04
C ALA A 117 10.98 -3.51 -24.86
N ASN A 118 10.00 -2.96 -24.13
CA ASN A 118 10.23 -2.06 -22.95
C ASN A 118 10.08 -2.84 -21.62
N ALA A 119 9.92 -4.15 -21.62
CA ALA A 119 9.71 -4.89 -20.34
C ALA A 119 10.86 -4.58 -19.37
N TRP A 120 12.10 -4.40 -19.84
CA TRP A 120 13.27 -4.09 -18.98
C TRP A 120 13.00 -2.83 -18.13
N GLU A 121 12.22 -1.87 -18.64
CA GLU A 121 11.98 -0.62 -17.90
C GLU A 121 10.58 -0.59 -17.32
N SER A 122 9.96 -1.74 -17.02
CA SER A 122 8.53 -1.84 -16.61
C SER A 122 8.32 -1.41 -15.15
N THR A 123 9.32 -1.57 -14.29
CA THR A 123 9.10 -1.59 -12.83
C THR A 123 9.92 -0.50 -12.12
N LEU A 124 9.21 0.39 -11.41
CA LEU A 124 9.78 1.37 -10.45
C LEU A 124 9.83 0.72 -9.06
N VAL A 125 10.80 1.11 -8.26
CA VAL A 125 10.92 0.63 -6.87
C VAL A 125 11.12 1.86 -5.96
N GLY A 126 10.45 1.82 -4.81
CA GLY A 126 10.60 2.86 -3.79
C GLY A 126 10.25 2.37 -2.41
N HIS A 127 10.10 3.35 -1.53
CA HIS A 127 9.84 3.05 -0.11
C HIS A 127 8.92 4.15 0.38
N ASP A 128 7.88 3.74 1.04
CA ASP A 128 6.93 4.65 1.70
C ASP A 128 6.85 4.32 3.18
N THR A 129 6.83 5.36 4.02
CA THR A 129 6.52 5.26 5.48
C THR A 129 5.20 5.96 5.73
N PHE A 130 4.24 5.18 6.26
CA PHE A 130 2.87 5.62 6.63
C PHE A 130 2.81 5.90 8.12
N THR A 131 2.21 7.02 8.48
CA THR A 131 1.94 7.35 9.91
C THR A 131 0.47 7.71 9.99
N LYS A 132 -0.04 7.78 11.21
CA LYS A 132 -1.46 8.10 11.53
C LYS A 132 -1.76 9.60 11.35
N VAL A 133 -0.77 10.51 11.29
CA VAL A 133 -1.05 11.98 11.39
C VAL A 133 -0.90 12.68 10.03
C4 O7Q B . 4.10 4.41 -4.99
C5 O7Q B . 3.01 6.01 -6.61
C7 O7Q B . 1.47 5.86 -8.72
C8 O7Q B . 0.62 6.73 -9.62
O2 O7Q B . 2.00 4.38 -13.76
C9 O7Q B . 0.07 5.93 -10.80
O1 O7Q B . 1.82 7.21 -2.52
C1 O7Q B . 2.61 6.91 -3.42
C2 O7Q B . 3.64 6.85 -5.47
C3 O7Q B . 4.33 5.83 -4.49
N3 O7Q B . 2.15 6.35 -12.30
C11 O7Q B . 2.52 5.51 -13.54
C10 O7Q B . 0.69 6.39 -12.10
C6 O7Q B . 2.03 6.64 -7.59
N1 O7Q B . 2.58 7.45 -4.67
N2 O7Q B . 3.56 6.02 -3.27
S1 O7Q B . 2.65 4.40 -5.94
S SO4 C . -3.13 16.12 -12.68
O1 SO4 C . -3.16 16.01 -14.12
O2 SO4 C . -4.38 16.67 -12.21
O3 SO4 C . -2.92 14.82 -12.10
O4 SO4 C . -2.04 16.99 -12.31
#